data_5ZWU
#
_entry.id   5ZWU
#
_cell.length_a   37.700
_cell.length_b   74.380
_cell.length_c   153.359
_cell.angle_alpha   90.00
_cell.angle_beta   90.00
_cell.angle_gamma   90.00
#
_symmetry.space_group_name_H-M   'P 2 21 21'
#
loop_
_entity.id
_entity.type
_entity.pdbx_description
1 polymer 'DNA replication and repair protein RecF'
2 water water
#
_entity_poly.entity_id   1
_entity_poly.type   'polypeptide(L)'
_entity_poly.pdbx_seq_one_letter_code
;MRLLLFRQRNFRNLALEAYRPPPGLSALVGANAQGKTSLLLGIHLALGGEVPLGLADLVRFGEEEAWLHAEVETELGAYR
LEHRLGPGGREVLLNGKRVSLRTLWELPGSVLVSPLDLEAVLGPKEERRAYLDRLIARFSRRYAALLSAYEKALRQRNAL
LKAGGEGLSAWDRELARYGDEIVALRRRFLRRFAPILREVHAALAAKEAGLRLEETAGEGVLRALEASRAEERERGQTLV
GPHRDDLVFLLEGRPAHRFASRGEAKTLALALRLAEHRLLGEHHGEPPLLLVDEWGEELDEARRRAVLAYAQALPQAILA
GLEAPPGVPVCSVVRGVVLCPGA
;
_entity_poly.pdbx_strand_id   A
#
# COMPACT_ATOMS: atom_id res chain seq x y z
N MET A 1 -6.62 1.83 -17.19
CA MET A 1 -7.01 2.86 -16.14
C MET A 1 -6.44 4.14 -16.80
N ARG A 2 -7.25 5.19 -16.79
N ARG A 2 -7.23 5.18 -16.70
CA ARG A 2 -6.78 6.50 -17.15
CA ARG A 2 -6.80 6.46 -17.08
C ARG A 2 -7.26 7.51 -16.12
C ARG A 2 -7.26 7.42 -16.00
N LEU A 3 -6.32 8.14 -15.44
CA LEU A 3 -6.62 9.30 -14.63
C LEU A 3 -6.78 10.48 -15.56
N LEU A 4 -8.00 11.06 -15.57
CA LEU A 4 -8.33 12.17 -16.44
C LEU A 4 -8.08 13.51 -15.79
N LEU A 5 -8.31 13.56 -14.48
CA LEU A 5 -8.32 14.82 -13.75
C LEU A 5 -8.14 14.57 -12.26
N PHE A 6 -7.24 15.38 -11.70
CA PHE A 6 -7.01 15.43 -10.28
C PHE A 6 -7.20 16.88 -9.81
N ARG A 7 -8.01 17.04 -8.76
CA ARG A 7 -8.23 18.32 -8.13
C ARG A 7 -8.01 18.18 -6.62
N GLN A 8 -7.65 19.27 -5.97
CA GLN A 8 -7.41 19.21 -4.55
C GLN A 8 -7.65 20.58 -3.95
N ARG A 9 -7.86 20.57 -2.64
CA ARG A 9 -7.82 21.83 -1.81
C ARG A 9 -7.16 21.54 -0.46
N ASN A 10 -6.14 22.38 -0.09
CA ASN A 10 -5.49 22.28 1.20
C ASN A 10 -4.78 20.99 1.51
N PHE A 11 -4.37 20.24 0.49
CA PHE A 11 -3.57 19.02 0.71
C PHE A 11 -2.10 19.36 0.77
N ARG A 12 -1.48 19.08 1.91
CA ARG A 12 -0.07 19.34 2.15
C ARG A 12 0.26 20.76 1.61
N ASN A 13 1.25 20.91 0.72
CA ASN A 13 1.72 22.12 0.10
C ASN A 13 1.23 22.42 -1.33
N LEU A 14 0.17 21.75 -1.80
CA LEU A 14 -0.36 21.96 -3.15
C LEU A 14 -1.26 23.19 -3.32
N ALA A 15 -1.21 23.82 -4.53
CA ALA A 15 -2.07 24.96 -4.86
C ALA A 15 -2.83 24.77 -6.13
N LEU A 16 -2.73 23.61 -6.78
CA LEU A 16 -3.29 23.49 -8.08
C LEU A 16 -4.77 23.45 -7.94
N GLU A 17 -5.47 23.92 -8.99
CA GLU A 17 -6.91 23.71 -9.09
C GLU A 17 -7.20 22.44 -9.84
N ALA A 18 -6.43 22.15 -10.90
CA ALA A 18 -6.65 20.98 -11.65
C ALA A 18 -5.31 20.47 -12.22
N TYR A 19 -5.18 19.17 -12.36
CA TYR A 19 -4.03 18.53 -13.07
C TYR A 19 -4.60 17.47 -13.96
N ARG A 20 -4.26 17.54 -15.25
CA ARG A 20 -4.81 16.65 -16.27
CA ARG A 20 -4.80 16.65 -16.25
C ARG A 20 -3.61 15.94 -16.89
N PRO A 21 -3.19 14.82 -16.29
CA PRO A 21 -2.03 14.11 -16.88
C PRO A 21 -2.35 13.61 -18.23
N PRO A 22 -1.36 13.51 -19.09
CA PRO A 22 -1.66 12.84 -20.37
C PRO A 22 -1.80 11.32 -20.23
N PRO A 23 -2.36 10.65 -21.28
CA PRO A 23 -2.22 9.20 -21.34
C PRO A 23 -0.76 8.85 -21.52
N GLY A 24 -0.50 7.62 -21.25
CA GLY A 24 0.86 7.07 -21.41
C GLY A 24 1.75 7.54 -20.27
N LEU A 25 3.03 7.66 -20.59
CA LEU A 25 4.03 7.93 -19.60
C LEU A 25 4.40 9.39 -19.63
N SER A 26 4.39 10.03 -18.45
CA SER A 26 4.81 11.40 -18.34
C SER A 26 5.62 11.59 -17.08
N ALA A 27 6.28 12.76 -17.03
CA ALA A 27 7.18 13.07 -15.89
C ALA A 27 6.91 14.45 -15.33
N LEU A 28 7.06 14.58 -14.02
CA LEU A 28 6.92 15.84 -13.33
C LEU A 28 8.30 16.30 -13.01
N VAL A 29 8.57 17.54 -13.40
CA VAL A 29 9.88 18.12 -13.14
C VAL A 29 9.68 19.42 -12.39
N GLY A 30 10.75 19.91 -11.81
CA GLY A 30 10.73 21.09 -10.95
C GLY A 30 11.73 20.96 -9.83
N ALA A 31 12.08 22.11 -9.30
CA ALA A 31 13.04 22.18 -8.20
C ALA A 31 12.53 21.73 -6.86
N ASN A 32 11.19 21.73 -6.68
CA ASN A 32 10.63 21.40 -5.40
C ASN A 32 10.23 19.95 -5.36
N ALA A 33 11.08 19.15 -4.79
CA ALA A 33 10.80 17.74 -4.69
C ALA A 33 9.63 17.42 -3.75
N GLN A 34 9.47 18.24 -2.74
CA GLN A 34 8.38 18.04 -1.79
C GLN A 34 7.00 18.23 -2.48
N GLY A 35 6.91 19.23 -3.34
CA GLY A 35 5.70 19.44 -4.12
C GLY A 35 5.31 18.28 -4.99
N LYS A 36 6.32 17.71 -5.62
CA LYS A 36 6.08 16.55 -6.46
C LYS A 36 5.65 15.36 -5.63
N THR A 37 6.33 15.12 -4.49
CA THR A 37 6.00 14.02 -3.63
C THR A 37 4.54 14.15 -3.11
N SER A 38 4.13 15.38 -2.77
CA SER A 38 2.74 15.61 -2.33
C SER A 38 1.75 15.40 -3.42
N LEU A 39 2.09 15.79 -4.63
CA LEU A 39 1.19 15.58 -5.76
C LEU A 39 0.93 14.07 -5.99
N LEU A 40 2.01 13.30 -6.09
CA LEU A 40 1.88 11.89 -6.26
C LEU A 40 1.12 11.21 -5.10
N LEU A 41 1.39 11.66 -3.89
CA LEU A 41 0.73 11.10 -2.72
C LEU A 41 -0.76 11.47 -2.76
N GLY A 42 -1.08 12.71 -3.15
CA GLY A 42 -2.51 13.17 -3.24
C GLY A 42 -3.26 12.34 -4.24
N ILE A 43 -2.64 12.05 -5.40
CA ILE A 43 -3.26 11.22 -6.43
C ILE A 43 -3.49 9.83 -5.88
N HIS A 44 -2.45 9.27 -5.25
CA HIS A 44 -2.58 7.91 -4.70
C HIS A 44 -3.74 7.82 -3.71
N LEU A 45 -3.81 8.78 -2.78
CA LEU A 45 -4.89 8.74 -1.79
C LEU A 45 -6.22 8.95 -2.50
N ALA A 46 -6.29 9.83 -3.47
CA ALA A 46 -7.55 10.03 -4.25
C ALA A 46 -8.07 8.78 -4.85
N LEU A 47 -7.14 7.95 -5.30
CA LEU A 47 -7.55 6.69 -5.90
C LEU A 47 -7.76 5.55 -4.92
N GLY A 48 -7.66 5.80 -3.61
CA GLY A 48 -7.93 4.79 -2.62
C GLY A 48 -6.78 4.31 -1.78
N GLY A 49 -5.60 4.94 -1.99
CA GLY A 49 -4.42 4.64 -1.22
C GLY A 49 -4.53 4.96 0.25
N GLU A 50 -3.61 4.41 1.01
CA GLU A 50 -3.52 4.73 2.42
C GLU A 50 -2.11 5.06 2.72
N VAL A 51 -1.87 6.00 3.61
CA VAL A 51 -0.49 6.24 4.14
C VAL A 51 -0.55 6.66 5.61
N PRO A 52 0.52 6.37 6.38
CA PRO A 52 0.73 6.70 7.80
C PRO A 52 0.96 8.15 8.30
N LEU A 53 0.05 9.08 8.07
CA LEU A 53 0.33 10.47 8.33
C LEU A 53 -0.71 11.19 9.22
N GLY A 54 -0.23 11.86 10.26
CA GLY A 54 -1.07 12.77 10.99
C GLY A 54 -1.74 13.77 10.04
N LEU A 55 -2.94 14.15 10.44
CA LEU A 55 -3.71 15.16 9.77
C LEU A 55 -2.88 16.46 9.48
N ALA A 56 -2.00 16.93 10.40
CA ALA A 56 -1.15 18.12 10.11
C ALA A 56 -0.12 17.84 9.00
N ASP A 57 0.14 16.55 8.76
CA ASP A 57 0.91 16.15 7.53
C ASP A 57 0.13 15.72 6.32
N LEU A 58 -1.20 15.66 6.41
CA LEU A 58 -2.01 15.64 5.20
C LEU A 58 -2.69 16.98 4.87
N VAL A 59 -3.18 17.69 5.89
CA VAL A 59 -3.82 19.00 5.70
C VAL A 59 -2.86 20.20 5.81
N ARG A 60 -2.97 21.17 4.88
CA ARG A 60 -2.21 22.40 4.88
C ARG A 60 -2.26 23.06 6.25
N PHE A 61 -1.10 23.53 6.67
CA PHE A 61 -0.92 24.41 7.90
C PHE A 61 -1.95 25.48 7.96
N GLY A 62 -2.60 25.52 9.11
CA GLY A 62 -3.60 26.56 9.40
C GLY A 62 -4.97 26.29 8.82
N GLU A 63 -5.18 25.10 8.23
CA GLU A 63 -6.44 24.72 7.64
C GLU A 63 -7.04 23.52 8.39
N GLU A 64 -8.34 23.39 8.25
CA GLU A 64 -9.08 22.35 8.93
C GLU A 64 -9.17 21.06 8.15
N GLU A 65 -9.54 21.17 6.89
CA GLU A 65 -9.71 19.95 6.09
C GLU A 65 -9.05 20.03 4.73
N ALA A 66 -8.72 18.88 4.19
CA ALA A 66 -8.26 18.76 2.82
C ALA A 66 -9.30 18.03 1.98
N TRP A 67 -9.33 18.34 0.69
CA TRP A 67 -10.16 17.66 -0.25
C TRP A 67 -9.34 17.16 -1.42
N LEU A 68 -9.71 15.96 -1.89
CA LEU A 68 -9.07 15.33 -3.07
C LEU A 68 -10.14 14.83 -3.98
N HIS A 69 -9.93 14.97 -5.27
CA HIS A 69 -10.87 14.49 -6.31
C HIS A 69 -10.11 13.91 -7.49
N ALA A 70 -10.58 12.74 -7.93
CA ALA A 70 -10.04 12.13 -9.12
C ALA A 70 -11.17 11.71 -10.02
N GLU A 71 -10.98 11.92 -11.32
N GLU A 71 -11.04 12.00 -11.31
CA GLU A 71 -11.90 11.48 -12.37
CA GLU A 71 -11.91 11.39 -12.32
C GLU A 71 -11.12 10.43 -13.20
C GLU A 71 -11.05 10.37 -13.05
N VAL A 72 -11.60 9.18 -13.22
CA VAL A 72 -10.94 8.08 -13.88
C VAL A 72 -11.84 7.42 -14.89
N GLU A 73 -11.20 6.79 -15.87
CA GLU A 73 -11.84 5.86 -16.77
C GLU A 73 -11.24 4.48 -16.56
N THR A 74 -12.10 3.47 -16.40
CA THR A 74 -11.63 2.13 -16.10
C THR A 74 -12.35 1.20 -17.00
N GLU A 75 -11.96 -0.08 -16.93
CA GLU A 75 -12.65 -1.13 -17.67
C GLU A 75 -14.11 -1.26 -17.21
N LEU A 76 -14.39 -0.85 -15.98
CA LEU A 76 -15.71 -0.88 -15.34
C LEU A 76 -16.57 0.36 -15.61
N GLY A 77 -15.99 1.37 -16.27
CA GLY A 77 -16.64 2.65 -16.59
C GLY A 77 -15.91 3.87 -16.03
N ALA A 78 -16.62 5.02 -16.07
CA ALA A 78 -16.13 6.31 -15.57
C ALA A 78 -16.54 6.50 -14.10
N TYR A 79 -15.59 6.97 -13.29
CA TYR A 79 -15.83 7.15 -11.85
C TYR A 79 -15.27 8.47 -11.38
N ARG A 80 -15.98 9.07 -10.42
N ARG A 80 -16.00 9.10 -10.45
CA ARG A 80 -15.55 10.27 -9.74
CA ARG A 80 -15.59 10.32 -9.77
C ARG A 80 -15.34 9.89 -8.30
C ARG A 80 -15.35 9.95 -8.29
N LEU A 81 -14.10 10.08 -7.84
CA LEU A 81 -13.68 9.67 -6.53
C LEU A 81 -13.38 10.95 -5.74
N GLU A 82 -13.89 11.04 -4.52
CA GLU A 82 -13.62 12.21 -3.72
C GLU A 82 -13.35 11.83 -2.28
N HIS A 83 -12.50 12.63 -1.64
CA HIS A 83 -12.14 12.42 -0.25
C HIS A 83 -12.10 13.76 0.47
N ARG A 84 -12.61 13.77 1.69
CA ARG A 84 -12.43 14.86 2.63
C ARG A 84 -11.68 14.28 3.82
N LEU A 85 -10.56 14.93 4.13
CA LEU A 85 -9.67 14.54 5.20
C LEU A 85 -9.72 15.66 6.23
N GLY A 86 -10.25 15.35 7.41
CA GLY A 86 -10.41 16.39 8.45
C GLY A 86 -10.46 15.77 9.81
N PRO A 87 -10.76 16.57 10.85
CA PRO A 87 -10.87 16.08 12.21
C PRO A 87 -11.81 14.89 12.38
N GLY A 88 -12.86 14.82 11.57
CA GLY A 88 -13.83 13.73 11.61
C GLY A 88 -13.40 12.45 10.95
N GLY A 89 -12.33 12.49 10.16
CA GLY A 89 -11.78 11.30 9.57
C GLY A 89 -11.66 11.45 8.06
N ARG A 90 -11.77 10.34 7.35
CA ARG A 90 -11.68 10.35 5.90
C ARG A 90 -13.00 9.99 5.32
N GLU A 91 -13.69 10.99 4.77
CA GLU A 91 -14.96 10.73 4.07
C GLU A 91 -14.72 10.47 2.59
N VAL A 92 -15.22 9.31 2.12
CA VAL A 92 -14.99 8.85 0.72
C VAL A 92 -16.31 8.83 -0.06
N LEU A 93 -16.35 9.48 -1.22
CA LEU A 93 -17.47 9.43 -2.13
C LEU A 93 -17.06 8.82 -3.48
N LEU A 94 -17.95 7.97 -4.02
CA LEU A 94 -17.78 7.37 -5.32
C LEU A 94 -19.03 7.70 -6.11
N ASN A 95 -18.88 8.43 -7.23
CA ASN A 95 -20.00 8.87 -8.03
C ASN A 95 -21.11 9.50 -7.21
N GLY A 96 -20.70 10.30 -6.27
CA GLY A 96 -21.64 11.07 -5.47
C GLY A 96 -22.22 10.39 -4.25
N LYS A 97 -21.78 9.19 -3.90
CA LYS A 97 -22.34 8.40 -2.81
C LYS A 97 -21.31 8.14 -1.83
N ARG A 98 -21.55 8.35 -0.53
CA ARG A 98 -20.61 7.91 0.53
C ARG A 98 -20.43 6.40 0.51
N VAL A 99 -19.15 5.99 0.50
CA VAL A 99 -18.79 4.57 0.46
C VAL A 99 -17.65 4.34 1.44
N SER A 100 -17.50 3.10 1.91
CA SER A 100 -16.29 2.71 2.58
C SER A 100 -15.08 2.86 1.64
N LEU A 101 -13.95 3.13 2.25
CA LEU A 101 -12.69 3.25 1.52
C LEU A 101 -12.43 2.01 0.69
N ARG A 102 -12.69 0.84 1.25
CA ARG A 102 -12.40 -0.42 0.53
C ARG A 102 -13.20 -0.55 -0.76
N THR A 103 -14.32 0.15 -0.90
CA THR A 103 -15.06 0.14 -2.15
C THR A 103 -14.20 0.58 -3.33
N LEU A 104 -13.30 1.52 -3.11
CA LEU A 104 -12.45 2.00 -4.16
C LEU A 104 -11.44 0.93 -4.68
N TRP A 105 -11.24 -0.10 -3.89
CA TRP A 105 -10.33 -1.23 -4.25
C TRP A 105 -11.00 -2.19 -5.18
N GLU A 106 -12.28 -1.97 -5.47
CA GLU A 106 -12.94 -2.63 -6.57
C GLU A 106 -12.47 -2.15 -7.96
N LEU A 107 -11.82 -0.96 -7.99
CA LEU A 107 -11.28 -0.39 -9.22
C LEU A 107 -9.76 -0.58 -9.11
N PRO A 108 -9.04 -0.41 -10.24
CA PRO A 108 -7.59 -0.71 -10.21
C PRO A 108 -6.71 0.18 -9.35
N GLY A 109 -7.15 1.40 -9.14
CA GLY A 109 -6.42 2.32 -8.32
C GLY A 109 -5.01 2.61 -8.82
N SER A 110 -4.12 2.75 -7.86
CA SER A 110 -2.73 3.12 -8.12
C SER A 110 -1.81 2.36 -7.21
N VAL A 111 -0.54 2.32 -7.64
CA VAL A 111 0.58 1.89 -6.82
C VAL A 111 1.55 3.04 -6.82
N LEU A 112 2.02 3.38 -5.62
CA LEU A 112 2.97 4.49 -5.45
C LEU A 112 4.28 3.92 -4.90
N VAL A 113 5.36 4.27 -5.64
CA VAL A 113 6.71 4.01 -5.18
C VAL A 113 7.14 5.31 -4.48
N SER A 114 7.27 5.23 -3.16
CA SER A 114 7.35 6.42 -2.22
C SER A 114 8.62 6.30 -1.45
N PRO A 115 9.11 7.46 -1.01
CA PRO A 115 10.25 7.44 -0.12
C PRO A 115 9.98 6.73 1.23
N LEU A 116 8.73 6.59 1.59
CA LEU A 116 8.31 6.00 2.86
C LEU A 116 8.52 4.48 2.80
N ASP A 117 8.58 3.92 1.59
CA ASP A 117 8.53 2.45 1.44
C ASP A 117 9.68 1.64 2.10
N LEU A 118 10.88 2.18 2.10
CA LEU A 118 11.99 1.43 2.66
C LEU A 118 11.84 1.21 4.14
N GLU A 119 11.07 2.05 4.84
CA GLU A 119 11.06 1.98 6.29
C GLU A 119 10.43 0.68 6.71
N ALA A 120 9.48 0.15 5.93
CA ALA A 120 8.90 -1.15 6.24
C ALA A 120 9.89 -2.26 6.12
N VAL A 121 10.77 -2.22 5.11
CA VAL A 121 11.76 -3.24 5.01
C VAL A 121 12.68 -3.23 6.21
N LEU A 122 13.03 -2.02 6.65
CA LEU A 122 13.97 -1.88 7.71
C LEU A 122 13.35 -1.89 9.09
N GLY A 123 12.03 -1.79 9.16
CA GLY A 123 11.34 -1.43 10.41
C GLY A 123 10.97 -2.62 11.25
N PRO A 124 10.21 -2.38 12.32
CA PRO A 124 9.76 -3.45 13.21
C PRO A 124 8.79 -4.45 12.58
N LYS A 125 8.75 -5.61 13.22
CA LYS A 125 7.81 -6.70 12.95
C LYS A 125 6.35 -6.30 12.66
N GLU A 126 5.76 -5.53 13.58
CA GLU A 126 4.36 -5.07 13.45
C GLU A 126 4.09 -4.29 12.14
N GLU A 127 5.09 -3.54 11.68
CA GLU A 127 4.95 -2.76 10.43
C GLU A 127 4.96 -3.64 9.15
N ARG A 128 5.74 -4.73 9.19
CA ARG A 128 5.75 -5.64 8.06
C ARG A 128 4.43 -6.41 7.99
N ARG A 129 3.88 -6.73 9.17
CA ARG A 129 2.64 -7.48 9.19
C ARG A 129 1.51 -6.54 8.75
N ALA A 130 1.58 -5.27 9.15
CA ALA A 130 0.58 -4.32 8.73
C ALA A 130 0.60 -4.12 7.21
N TYR A 131 1.82 -4.06 6.66
CA TYR A 131 1.96 -3.98 5.22
C TYR A 131 1.30 -5.18 4.52
N LEU A 132 1.51 -6.37 5.06
CA LEU A 132 0.93 -7.59 4.51
C LEU A 132 -0.60 -7.51 4.51
N ASP A 133 -1.17 -7.07 5.64
CA ASP A 133 -2.62 -7.00 5.71
C ASP A 133 -3.22 -5.98 4.73
N ARG A 134 -2.56 -4.81 4.59
CA ARG A 134 -3.02 -3.81 3.63
C ARG A 134 -2.90 -4.28 2.19
N LEU A 135 -1.79 -4.98 1.88
CA LEU A 135 -1.59 -5.51 0.57
C LEU A 135 -2.70 -6.50 0.17
N ILE A 136 -2.92 -7.50 0.98
CA ILE A 136 -3.85 -8.55 0.66
C ILE A 136 -5.28 -8.00 0.63
N ALA A 137 -5.56 -7.02 1.50
CA ALA A 137 -6.91 -6.50 1.55
C ALA A 137 -7.34 -5.83 0.21
N ARG A 138 -6.36 -5.26 -0.53
CA ARG A 138 -6.54 -4.67 -1.87
CA ARG A 138 -6.67 -4.66 -1.83
C ARG A 138 -7.09 -5.67 -2.85
N PHE A 139 -6.72 -6.93 -2.65
CA PHE A 139 -7.07 -8.01 -3.58
C PHE A 139 -8.34 -8.76 -3.20
N SER A 140 -8.74 -8.71 -1.95
CA SER A 140 -9.68 -9.67 -1.44
C SER A 140 -10.64 -9.01 -0.50
N ARG A 141 -11.88 -8.80 -0.93
CA ARG A 141 -12.87 -8.24 0.02
C ARG A 141 -13.15 -9.22 1.18
N ARG A 142 -13.10 -10.53 0.92
CA ARG A 142 -13.25 -11.50 1.98
C ARG A 142 -12.16 -11.34 3.00
N TYR A 143 -10.91 -11.20 2.55
CA TYR A 143 -9.84 -10.94 3.52
C TYR A 143 -10.05 -9.70 4.39
N ALA A 144 -10.45 -8.60 3.74
CA ALA A 144 -10.70 -7.34 4.48
C ALA A 144 -11.77 -7.58 5.53
N ALA A 145 -12.78 -8.40 5.18
CA ALA A 145 -13.89 -8.66 6.12
C ALA A 145 -13.47 -9.60 7.25
N LEU A 146 -12.56 -10.54 6.95
CA LEU A 146 -12.01 -11.41 7.96
C LEU A 146 -11.14 -10.63 8.95
N LEU A 147 -10.32 -9.69 8.48
CA LEU A 147 -9.51 -8.81 9.38
C LEU A 147 -10.38 -8.16 10.47
N SER A 148 -11.49 -7.56 10.01
CA SER A 148 -12.51 -6.88 10.93
C SER A 148 -13.10 -7.87 11.93
N ALA A 149 -13.51 -9.02 11.45
CA ALA A 149 -14.18 -10.02 12.32
C ALA A 149 -13.20 -10.62 13.37
N TYR A 150 -12.00 -10.95 12.90
CA TYR A 150 -10.92 -11.41 13.77
C TYR A 150 -10.61 -10.39 14.84
N GLU A 151 -10.46 -9.13 14.44
CA GLU A 151 -10.09 -8.06 15.37
C GLU A 151 -11.20 -7.90 16.46
N LYS A 152 -12.44 -8.18 16.11
CA LYS A 152 -13.54 -8.16 17.13
C LYS A 152 -13.40 -9.32 18.11
N ALA A 153 -13.27 -10.54 17.57
CA ALA A 153 -13.15 -11.75 18.38
C ALA A 153 -11.94 -11.72 19.28
N LEU A 154 -10.86 -11.11 18.80
CA LEU A 154 -9.63 -10.96 19.58
C LEU A 154 -9.81 -9.98 20.75
N ARG A 155 -10.42 -8.86 20.42
CA ARG A 155 -10.64 -7.80 21.39
C ARG A 155 -11.47 -8.33 22.57
N GLN A 156 -12.59 -8.98 22.22
CA GLN A 156 -13.51 -9.62 23.19
C GLN A 156 -12.82 -10.73 23.98
N ARG A 157 -11.95 -11.51 23.30
CA ARG A 157 -11.23 -12.60 23.96
C ARG A 157 -10.19 -12.11 24.99
N ASN A 158 -9.38 -11.12 24.63
CA ASN A 158 -8.40 -10.55 25.57
C ASN A 158 -9.06 -9.84 26.77
N ALA A 159 -10.30 -9.37 26.58
CA ALA A 159 -11.08 -8.78 27.67
C ALA A 159 -11.42 -9.85 28.72
N LEU A 160 -11.99 -10.98 28.27
CA LEU A 160 -12.21 -12.16 29.12
C LEU A 160 -10.92 -12.68 29.79
N LEU A 161 -9.80 -12.54 29.10
CA LEU A 161 -8.51 -12.91 29.68
C LEU A 161 -8.08 -11.92 30.75
N LYS A 162 -8.09 -10.62 30.46
CA LYS A 162 -7.69 -9.60 31.45
C LYS A 162 -8.58 -9.64 32.71
N ALA A 163 -9.82 -10.15 32.58
CA ALA A 163 -10.79 -10.24 33.67
C ALA A 163 -10.83 -11.63 34.35
N GLY A 164 -9.65 -12.18 34.62
CA GLY A 164 -9.49 -13.50 35.22
C GLY A 164 -9.61 -14.67 34.24
N GLY A 165 -9.74 -15.86 34.80
CA GLY A 165 -9.99 -17.08 34.04
C GLY A 165 -11.46 -17.10 33.71
N GLU A 166 -11.82 -16.82 32.44
CA GLU A 166 -13.22 -16.66 32.06
C GLU A 166 -13.70 -17.86 31.20
N GLY A 167 -14.82 -17.73 30.47
CA GLY A 167 -15.37 -18.82 29.63
C GLY A 167 -14.88 -18.69 28.19
N LEU A 168 -13.55 -18.73 28.02
CA LEU A 168 -12.89 -18.37 26.73
C LEU A 168 -13.34 -19.23 25.57
N SER A 169 -13.92 -20.39 25.89
CA SER A 169 -14.17 -21.45 24.90
C SER A 169 -14.77 -21.01 23.56
N ALA A 170 -15.86 -20.24 23.60
CA ALA A 170 -16.54 -19.80 22.37
C ALA A 170 -15.72 -18.79 21.59
N TRP A 171 -14.86 -18.08 22.31
CA TRP A 171 -13.95 -17.11 21.72
C TRP A 171 -12.84 -17.80 20.98
N ASP A 172 -12.34 -18.90 21.55
CA ASP A 172 -11.37 -19.76 20.88
C ASP A 172 -11.90 -20.15 19.50
N ARG A 173 -13.10 -20.71 19.44
CA ARG A 173 -13.69 -21.18 18.17
C ARG A 173 -13.87 -20.06 17.13
N GLU A 174 -14.30 -18.87 17.57
CA GLU A 174 -14.41 -17.69 16.66
C GLU A 174 -13.06 -17.23 16.14
N LEU A 175 -12.10 -17.06 17.06
CA LEU A 175 -10.74 -16.67 16.67
C LEU A 175 -10.19 -17.66 15.67
N ALA A 176 -10.37 -18.95 15.91
CA ALA A 176 -9.94 -19.99 14.95
C ALA A 176 -10.67 -19.95 13.60
N ARG A 177 -11.98 -19.75 13.63
CA ARG A 177 -12.78 -19.66 12.41
C ARG A 177 -12.22 -18.56 11.49
N TYR A 178 -12.03 -17.35 12.03
CA TYR A 178 -11.56 -16.24 11.21
C TYR A 178 -10.06 -16.40 10.97
N GLY A 179 -9.33 -16.70 12.04
CA GLY A 179 -7.89 -16.82 12.00
C GLY A 179 -7.33 -17.83 11.05
N ASP A 180 -7.86 -19.03 11.06
CA ASP A 180 -7.42 -20.10 10.15
C ASP A 180 -7.62 -19.71 8.69
N GLU A 181 -8.70 -19.01 8.39
CA GLU A 181 -8.96 -18.54 7.05
C GLU A 181 -7.97 -17.45 6.63
N ILE A 182 -7.66 -16.53 7.53
CA ILE A 182 -6.67 -15.48 7.26
C ILE A 182 -5.31 -16.15 6.96
N VAL A 183 -4.92 -17.14 7.77
CA VAL A 183 -3.65 -17.87 7.61
C VAL A 183 -3.61 -18.50 6.25
N ALA A 184 -4.71 -19.15 5.85
CA ALA A 184 -4.83 -19.81 4.53
C ALA A 184 -4.71 -18.85 3.33
N LEU A 185 -5.45 -17.73 3.43
CA LEU A 185 -5.41 -16.74 2.40
C LEU A 185 -4.02 -16.12 2.29
N ARG A 186 -3.34 -15.91 3.41
CA ARG A 186 -1.94 -15.38 3.36
C ARG A 186 -1.00 -16.33 2.64
N ARG A 187 -1.10 -17.58 2.96
CA ARG A 187 -0.31 -18.63 2.26
C ARG A 187 -0.58 -18.64 0.80
N ARG A 188 -1.88 -18.58 0.42
CA ARG A 188 -2.24 -18.60 -1.01
C ARG A 188 -1.67 -17.38 -1.76
N PHE A 189 -1.84 -16.23 -1.17
CA PHE A 189 -1.38 -14.98 -1.72
C PHE A 189 0.12 -15.04 -1.93
N LEU A 190 0.83 -15.43 -0.88
CA LEU A 190 2.30 -15.38 -0.91
C LEU A 190 2.89 -16.41 -1.90
N ARG A 191 2.18 -17.49 -2.17
CA ARG A 191 2.56 -18.43 -3.21
C ARG A 191 2.60 -17.76 -4.56
N ARG A 192 1.67 -16.82 -4.83
CA ARG A 192 1.64 -16.08 -6.10
C ARG A 192 2.62 -14.90 -6.06
N PHE A 193 2.73 -14.24 -4.93
CA PHE A 193 3.48 -12.99 -4.89
C PHE A 193 4.97 -13.20 -4.80
N ALA A 194 5.40 -14.18 -4.03
CA ALA A 194 6.86 -14.40 -3.87
C ALA A 194 7.62 -14.62 -5.20
N PRO A 195 7.13 -15.45 -6.10
CA PRO A 195 7.85 -15.61 -7.37
C PRO A 195 7.92 -14.36 -8.20
N ILE A 196 6.89 -13.51 -8.14
CA ILE A 196 6.91 -12.25 -8.83
C ILE A 196 7.96 -11.33 -8.19
N LEU A 197 7.96 -11.26 -6.87
CA LEU A 197 8.99 -10.47 -6.21
C LEU A 197 10.42 -10.91 -6.65
N ARG A 198 10.64 -12.20 -6.64
CA ARG A 198 11.97 -12.71 -7.03
C ARG A 198 12.35 -12.28 -8.43
N GLU A 199 11.42 -12.42 -9.37
CA GLU A 199 11.66 -12.01 -10.78
C GLU A 199 11.92 -10.54 -10.95
N VAL A 200 11.05 -9.74 -10.36
CA VAL A 200 11.19 -8.32 -10.49
C VAL A 200 12.50 -7.86 -9.91
N HIS A 201 12.79 -8.31 -8.69
CA HIS A 201 14.05 -7.90 -8.02
C HIS A 201 15.30 -8.35 -8.82
N ALA A 202 15.21 -9.49 -9.50
CA ALA A 202 16.35 -9.92 -10.32
C ALA A 202 16.72 -8.94 -11.43
N ALA A 203 15.76 -8.12 -11.90
CA ALA A 203 15.99 -7.18 -12.96
C ALA A 203 16.60 -5.90 -12.44
N LEU A 204 16.48 -5.70 -11.13
CA LEU A 204 16.92 -4.47 -10.48
C LEU A 204 18.19 -4.61 -9.65
N ALA A 205 18.56 -5.86 -9.30
CA ALA A 205 19.59 -6.07 -8.28
C ALA A 205 20.23 -7.42 -8.44
N ALA A 206 21.43 -7.58 -7.89
CA ALA A 206 22.11 -8.86 -7.93
C ALA A 206 21.71 -9.87 -6.87
N LYS A 207 21.27 -9.42 -5.70
CA LYS A 207 20.95 -10.37 -4.63
C LYS A 207 19.53 -10.93 -4.81
N GLU A 208 19.34 -12.24 -4.57
CA GLU A 208 18.04 -12.89 -4.69
C GLU A 208 17.12 -12.45 -3.53
N ALA A 209 15.92 -11.98 -3.89
CA ALA A 209 14.97 -11.54 -2.91
C ALA A 209 13.94 -12.63 -2.62
N GLY A 210 13.56 -12.77 -1.34
CA GLY A 210 12.60 -13.78 -0.96
C GLY A 210 11.73 -13.19 0.17
N LEU A 211 10.81 -14.01 0.57
CA LEU A 211 10.04 -13.70 1.77
C LEU A 211 9.59 -14.94 2.48
N ARG A 212 9.32 -14.77 3.77
CA ARG A 212 8.81 -15.88 4.59
C ARG A 212 7.80 -15.35 5.61
N LEU A 213 6.66 -16.01 5.71
CA LEU A 213 5.69 -15.69 6.77
C LEU A 213 5.81 -16.73 7.86
N GLU A 214 6.36 -16.30 9.01
CA GLU A 214 6.58 -17.19 10.20
C GLU A 214 5.32 -17.17 11.06
N GLU A 215 4.72 -18.33 11.22
CA GLU A 215 3.42 -18.54 11.85
C GLU A 215 3.54 -18.99 13.30
N THR A 216 2.68 -18.42 14.13
CA THR A 216 2.55 -18.85 15.50
C THR A 216 1.50 -19.93 15.65
N ALA A 217 0.68 -20.12 14.62
CA ALA A 217 -0.45 -21.07 14.71
C ALA A 217 -0.65 -21.80 13.40
N GLY A 218 0.47 -22.28 12.86
CA GLY A 218 0.47 -22.94 11.57
C GLY A 218 -0.22 -24.29 11.49
N GLU A 219 -0.47 -24.96 12.60
CA GLU A 219 -1.25 -26.20 12.60
C GLU A 219 -2.73 -25.95 13.00
N GLY A 220 -3.14 -24.69 13.08
CA GLY A 220 -4.51 -24.30 13.49
C GLY A 220 -4.46 -23.48 14.77
N VAL A 221 -5.26 -22.42 14.83
CA VAL A 221 -5.37 -21.53 16.00
C VAL A 221 -5.86 -22.26 17.28
N LEU A 222 -6.82 -23.18 17.15
CA LEU A 222 -7.33 -23.91 18.33
C LEU A 222 -6.18 -24.64 19.04
N ARG A 223 -5.39 -25.39 18.26
CA ARG A 223 -4.28 -26.16 18.81
C ARG A 223 -3.16 -25.32 19.39
N ALA A 224 -2.92 -24.14 18.82
CA ALA A 224 -1.89 -23.21 19.33
C ALA A 224 -2.38 -22.50 20.62
N LEU A 225 -3.65 -22.14 20.65
CA LEU A 225 -4.32 -21.60 21.87
C LEU A 225 -4.22 -22.50 23.09
N GLU A 226 -4.53 -23.77 22.90
CA GLU A 226 -4.30 -24.84 23.90
C GLU A 226 -2.88 -24.82 24.42
N ALA A 227 -1.92 -24.93 23.50
CA ALA A 227 -0.53 -25.01 23.87
C ALA A 227 -0.02 -23.73 24.54
N SER A 228 -0.69 -22.59 24.30
CA SER A 228 -0.31 -21.31 24.95
C SER A 228 -1.18 -20.95 26.17
N ARG A 229 -2.02 -21.89 26.64
CA ARG A 229 -3.07 -21.58 27.64
C ARG A 229 -2.50 -21.07 28.96
N ALA A 230 -1.54 -21.80 29.52
CA ALA A 230 -0.90 -21.36 30.77
C ALA A 230 -0.21 -20.01 30.58
N GLU A 231 0.51 -19.89 29.47
CA GLU A 231 1.32 -18.70 29.20
C GLU A 231 0.49 -17.45 28.84
N GLU A 232 -0.59 -17.61 28.07
CA GLU A 232 -1.52 -16.49 27.79
C GLU A 232 -2.24 -16.03 29.05
N ARG A 233 -2.54 -17.00 29.95
CA ARG A 233 -3.09 -16.73 31.27
C ARG A 233 -2.09 -15.90 32.07
N GLU A 234 -0.81 -16.28 32.02
CA GLU A 234 0.26 -15.52 32.67
C GLU A 234 0.44 -14.09 32.11
N ARG A 235 0.23 -13.85 30.81
CA ARG A 235 0.47 -12.50 30.21
C ARG A 235 -0.78 -11.58 30.00
N GLY A 236 -2.00 -12.14 30.01
CA GLY A 236 -3.25 -11.35 29.86
C GLY A 236 -3.59 -10.93 28.43
N GLN A 237 -3.25 -11.81 27.51
CA GLN A 237 -3.17 -11.50 26.08
C GLN A 237 -3.08 -12.80 25.28
N THR A 238 -3.84 -12.87 24.19
CA THR A 238 -3.72 -13.96 23.22
C THR A 238 -2.33 -13.85 22.58
N LEU A 239 -1.61 -14.97 22.51
CA LEU A 239 -0.20 -14.99 22.12
C LEU A 239 0.06 -15.65 20.76
N VAL A 240 -0.99 -16.21 20.15
CA VAL A 240 -0.90 -16.94 18.91
C VAL A 240 -2.04 -16.51 17.98
N GLY A 241 -1.92 -16.86 16.71
CA GLY A 241 -2.83 -16.39 15.68
C GLY A 241 -2.22 -15.36 14.73
N PRO A 242 -2.95 -15.06 13.65
CA PRO A 242 -2.31 -14.28 12.55
C PRO A 242 -1.86 -12.88 12.93
N HIS A 243 -2.45 -12.31 14.00
CA HIS A 243 -1.97 -11.02 14.51
C HIS A 243 -0.59 -11.07 15.19
N ARG A 244 0.00 -12.27 15.35
CA ARG A 244 1.29 -12.37 15.96
C ARG A 244 2.39 -12.90 15.00
N ASP A 245 2.02 -13.09 13.75
CA ASP A 245 2.87 -13.75 12.76
C ASP A 245 3.82 -12.71 12.14
N ASP A 246 4.97 -13.18 11.59
CA ASP A 246 6.02 -12.27 11.21
C ASP A 246 6.31 -12.44 9.75
N LEU A 247 6.20 -11.37 8.98
CA LEU A 247 6.65 -11.41 7.59
C LEU A 247 8.08 -10.92 7.48
N VAL A 248 8.98 -11.81 7.03
CA VAL A 248 10.36 -11.54 6.94
C VAL A 248 10.75 -11.41 5.45
N PHE A 249 11.43 -10.32 5.10
CA PHE A 249 11.97 -10.18 3.76
C PHE A 249 13.44 -10.68 3.81
N LEU A 250 13.83 -11.33 2.72
CA LEU A 250 15.13 -11.96 2.63
C LEU A 250 15.90 -11.44 1.41
N LEU A 251 17.21 -11.28 1.62
CA LEU A 251 18.19 -11.06 0.52
C LEU A 251 19.29 -12.09 0.74
N GLU A 252 19.52 -12.90 -0.31
CA GLU A 252 20.40 -14.01 -0.21
C GLU A 252 20.09 -14.89 1.00
N GLY A 253 18.79 -15.14 1.26
CA GLY A 253 18.40 -15.95 2.38
C GLY A 253 18.50 -15.32 3.73
N ARG A 254 18.92 -14.03 3.83
CA ARG A 254 19.17 -13.41 5.11
C ARG A 254 18.25 -12.23 5.33
N PRO A 255 17.87 -12.03 6.60
CA PRO A 255 16.84 -11.02 6.85
C PRO A 255 17.20 -9.58 6.49
N ALA A 256 16.37 -8.96 5.65
CA ALA A 256 16.71 -7.63 5.14
C ALA A 256 16.75 -6.57 6.23
N HIS A 257 15.91 -6.74 7.25
CA HIS A 257 15.87 -5.74 8.32
C HIS A 257 17.11 -5.70 9.17
N ARG A 258 17.93 -6.77 9.07
CA ARG A 258 19.25 -6.81 9.72
C ARG A 258 20.44 -6.57 8.78
N PHE A 259 20.37 -7.06 7.53
CA PHE A 259 21.53 -7.17 6.63
C PHE A 259 21.44 -6.41 5.33
N ALA A 260 20.35 -5.68 5.12
CA ALA A 260 20.29 -4.79 3.95
C ALA A 260 20.87 -3.43 4.29
N SER A 261 21.67 -2.91 3.38
CA SER A 261 22.03 -1.49 3.40
C SER A 261 20.77 -0.68 3.11
N ARG A 262 20.79 0.63 3.42
CA ARG A 262 19.64 1.44 3.02
C ARG A 262 19.37 1.36 1.51
N GLY A 263 20.41 1.44 0.70
CA GLY A 263 20.20 1.31 -0.79
C GLY A 263 19.58 -0.03 -1.23
N GLU A 264 20.04 -1.09 -0.59
CA GLU A 264 19.50 -2.43 -0.86
C GLU A 264 18.02 -2.48 -0.44
N ALA A 265 17.74 -1.89 0.70
CA ALA A 265 16.38 -1.85 1.17
C ALA A 265 15.48 -1.04 0.23
N LYS A 266 15.97 0.08 -0.24
CA LYS A 266 15.21 0.90 -1.14
C LYS A 266 14.88 0.10 -2.45
N THR A 267 15.87 -0.64 -2.98
CA THR A 267 15.60 -1.47 -4.13
C THR A 267 14.67 -2.64 -3.88
N LEU A 268 14.79 -3.26 -2.73
CA LEU A 268 13.82 -4.32 -2.33
C LEU A 268 12.40 -3.74 -2.26
N ALA A 269 12.28 -2.57 -1.62
CA ALA A 269 10.99 -1.86 -1.58
C ALA A 269 10.44 -1.49 -2.91
N LEU A 270 11.32 -1.11 -3.86
CA LEU A 270 10.90 -0.83 -5.22
C LEU A 270 10.35 -2.09 -5.88
N ALA A 271 11.07 -3.19 -5.70
CA ALA A 271 10.63 -4.48 -6.26
C ALA A 271 9.31 -4.96 -5.69
N LEU A 272 9.12 -4.73 -4.41
CA LEU A 272 7.84 -5.10 -3.78
C LEU A 272 6.69 -4.33 -4.39
N ARG A 273 6.90 -3.03 -4.61
CA ARG A 273 5.84 -2.22 -5.28
C ARG A 273 5.55 -2.63 -6.68
N LEU A 274 6.63 -2.90 -7.45
CA LEU A 274 6.39 -3.34 -8.84
C LEU A 274 5.74 -4.74 -8.90
N ALA A 275 6.07 -5.62 -7.97
CA ALA A 275 5.42 -6.92 -7.93
C ALA A 275 3.94 -6.79 -7.54
N GLU A 276 3.65 -5.87 -6.59
CA GLU A 276 2.27 -5.58 -6.26
C GLU A 276 1.53 -5.03 -7.45
N HIS A 277 2.16 -4.13 -8.20
CA HIS A 277 1.58 -3.58 -9.37
C HIS A 277 1.22 -4.66 -10.44
N ARG A 278 2.20 -5.55 -10.68
CA ARG A 278 2.00 -6.62 -11.63
C ARG A 278 0.85 -7.51 -11.24
N LEU A 279 0.83 -7.89 -9.98
CA LEU A 279 -0.21 -8.80 -9.50
C LEU A 279 -1.60 -8.16 -9.51
N LEU A 280 -1.66 -6.88 -9.16
CA LEU A 280 -2.93 -6.12 -9.28
C LEU A 280 -3.43 -6.12 -10.69
N GLY A 281 -2.55 -5.86 -11.68
CA GLY A 281 -2.94 -5.89 -13.06
C GLY A 281 -3.56 -7.24 -13.45
N GLU A 282 -2.99 -8.34 -12.95
CA GLU A 282 -3.53 -9.66 -13.23
C GLU A 282 -4.92 -9.83 -12.58
N HIS A 283 -5.03 -9.37 -11.34
CA HIS A 283 -6.28 -9.47 -10.61
C HIS A 283 -7.41 -8.64 -11.25
N HIS A 284 -7.14 -7.39 -11.60
CA HIS A 284 -8.17 -6.48 -12.13
C HIS A 284 -8.43 -6.70 -13.61
N GLY A 285 -7.42 -7.23 -14.32
CA GLY A 285 -7.53 -7.23 -15.75
C GLY A 285 -7.10 -5.94 -16.47
N GLU A 286 -6.57 -5.00 -15.68
CA GLU A 286 -6.17 -3.70 -16.14
C GLU A 286 -5.15 -3.24 -15.12
N PRO A 287 -4.04 -2.64 -15.56
CA PRO A 287 -3.07 -2.17 -14.61
C PRO A 287 -3.57 -0.97 -13.76
N PRO A 288 -3.17 -0.94 -12.47
CA PRO A 288 -3.28 0.31 -11.76
C PRO A 288 -2.46 1.37 -12.43
N LEU A 289 -2.77 2.63 -12.12
CA LEU A 289 -1.89 3.73 -12.44
C LEU A 289 -0.62 3.52 -11.62
N LEU A 290 0.55 3.71 -12.28
CA LEU A 290 1.81 3.60 -11.54
C LEU A 290 2.39 5.00 -11.34
N LEU A 291 2.71 5.27 -10.08
CA LEU A 291 3.28 6.60 -9.66
C LEU A 291 4.64 6.35 -9.04
N VAL A 292 5.69 6.94 -9.64
CA VAL A 292 7.07 6.67 -9.20
C VAL A 292 7.72 7.95 -8.73
N ASP A 293 7.93 8.06 -7.41
CA ASP A 293 8.59 9.22 -6.87
C ASP A 293 10.10 8.89 -6.81
N GLU A 294 10.90 9.92 -6.81
CA GLU A 294 12.38 9.83 -6.74
C GLU A 294 12.97 9.19 -7.98
N TRP A 295 12.30 9.39 -9.11
CA TRP A 295 12.76 8.82 -10.41
C TRP A 295 14.25 9.08 -10.61
N GLY A 296 14.59 10.37 -10.55
CA GLY A 296 15.90 10.89 -10.27
C GLY A 296 16.22 10.89 -8.79
N GLU A 297 17.04 9.88 -8.48
CA GLU A 297 17.81 9.80 -7.27
C GLU A 297 19.09 9.11 -7.79
N GLU A 298 19.98 8.64 -6.92
CA GLU A 298 21.22 7.97 -7.38
C GLU A 298 20.97 6.62 -8.09
N LEU A 299 20.36 6.67 -9.28
CA LEU A 299 20.04 5.50 -10.08
C LEU A 299 21.21 5.08 -10.98
N ASP A 300 21.38 3.76 -11.14
CA ASP A 300 22.25 3.18 -12.17
C ASP A 300 21.46 2.89 -13.44
N GLU A 301 22.16 2.81 -14.59
CA GLU A 301 21.50 2.68 -15.90
C GLU A 301 20.59 1.46 -15.94
N ALA A 302 21.09 0.30 -15.51
CA ALA A 302 20.29 -0.91 -15.65
C ALA A 302 19.03 -0.87 -14.81
N ARG A 303 19.11 -0.28 -13.60
CA ARG A 303 17.96 -0.14 -12.67
C ARG A 303 16.95 0.77 -13.32
N ARG A 304 17.44 1.93 -13.75
CA ARG A 304 16.59 2.83 -14.53
C ARG A 304 15.98 2.18 -15.70
N ARG A 305 16.76 1.53 -16.54
CA ARG A 305 16.16 0.95 -17.71
C ARG A 305 15.06 0.01 -17.32
N ALA A 306 15.24 -0.75 -16.23
CA ALA A 306 14.29 -1.80 -15.90
C ALA A 306 12.93 -1.23 -15.45
N VAL A 307 13.01 -0.16 -14.66
CA VAL A 307 11.82 0.54 -14.20
C VAL A 307 11.17 1.33 -15.33
N LEU A 308 11.97 2.12 -16.08
CA LEU A 308 11.48 2.81 -17.24
C LEU A 308 10.86 1.86 -18.22
N ALA A 309 11.51 0.69 -18.44
CA ALA A 309 11.00 -0.31 -19.37
C ALA A 309 9.64 -0.82 -18.92
N TYR A 310 9.48 -0.94 -17.60
CA TYR A 310 8.20 -1.39 -17.06
C TYR A 310 7.15 -0.28 -17.18
N ALA A 311 7.52 0.91 -16.73
CA ALA A 311 6.53 1.98 -16.68
C ALA A 311 6.05 2.37 -18.10
N GLN A 312 6.96 2.37 -19.09
CA GLN A 312 6.65 2.83 -20.42
C GLN A 312 5.77 1.84 -21.23
N ALA A 313 5.58 0.63 -20.68
CA ALA A 313 4.71 -0.35 -21.27
C ALA A 313 3.32 -0.40 -20.68
N LEU A 314 3.02 0.52 -19.75
CA LEU A 314 1.71 0.58 -19.16
C LEU A 314 0.80 1.58 -19.89
N PRO A 315 -0.52 1.50 -19.65
CA PRO A 315 -1.44 2.48 -20.22
C PRO A 315 -1.16 3.92 -19.75
N GLN A 316 -0.74 4.06 -18.49
CA GLN A 316 -0.44 5.35 -17.95
C GLN A 316 0.47 5.22 -16.71
N ALA A 317 1.44 6.12 -16.61
CA ALA A 317 2.33 6.13 -15.47
C ALA A 317 2.90 7.55 -15.40
N ILE A 318 3.20 7.95 -14.16
CA ILE A 318 3.75 9.27 -13.91
C ILE A 318 4.98 9.12 -13.02
N LEU A 319 6.09 9.69 -13.47
CA LEU A 319 7.32 9.67 -12.74
C LEU A 319 7.64 11.04 -12.23
N ALA A 320 8.22 11.14 -11.05
CA ALA A 320 8.68 12.40 -10.55
C ALA A 320 10.11 12.28 -10.08
N GLY A 321 10.94 13.17 -10.56
CA GLY A 321 12.35 13.14 -10.19
C GLY A 321 13.01 14.44 -10.54
N LEU A 322 14.29 14.54 -10.23
CA LEU A 322 15.01 15.79 -10.57
C LEU A 322 15.11 15.98 -12.07
N GLU A 323 15.31 14.88 -12.79
CA GLU A 323 15.30 14.89 -14.24
C GLU A 323 14.33 13.86 -14.74
N ALA A 324 13.73 14.15 -15.90
CA ALA A 324 12.87 13.22 -16.59
C ALA A 324 13.73 12.31 -17.49
N PRO A 325 13.25 11.10 -17.81
CA PRO A 325 13.86 10.38 -18.92
C PRO A 325 13.75 11.22 -20.18
N PRO A 326 14.75 11.20 -21.06
CA PRO A 326 14.54 11.89 -22.30
C PRO A 326 13.44 11.23 -23.13
N GLY A 327 12.74 12.10 -23.87
CA GLY A 327 11.68 11.76 -24.75
C GLY A 327 10.39 11.57 -24.03
N VAL A 328 10.39 11.64 -22.70
CA VAL A 328 9.13 11.54 -21.93
C VAL A 328 8.49 12.90 -21.82
N PRO A 329 7.23 13.03 -22.23
CA PRO A 329 6.50 14.30 -22.05
C PRO A 329 6.64 14.75 -20.60
N VAL A 330 6.85 16.05 -20.41
CA VAL A 330 7.11 16.58 -19.06
C VAL A 330 6.10 17.68 -18.73
N CYS A 331 5.74 17.73 -17.47
CA CYS A 331 4.85 18.76 -16.87
C CYS A 331 5.65 19.35 -15.71
N SER A 332 5.73 20.67 -15.62
CA SER A 332 6.47 21.34 -14.53
C SER A 332 5.55 21.60 -13.36
N VAL A 333 6.14 21.49 -12.16
CA VAL A 333 5.48 21.80 -10.92
C VAL A 333 6.25 22.95 -10.30
N VAL A 334 5.60 24.10 -10.18
CA VAL A 334 6.25 25.27 -9.66
C VAL A 334 5.23 26.00 -8.82
N ARG A 335 5.58 26.25 -7.56
CA ARG A 335 4.70 26.94 -6.61
C ARG A 335 3.34 26.21 -6.49
N GLY A 336 3.38 24.86 -6.50
CA GLY A 336 2.20 24.03 -6.15
C GLY A 336 1.23 23.81 -7.28
N VAL A 337 1.63 24.27 -8.51
CA VAL A 337 0.79 24.25 -9.73
C VAL A 337 1.51 23.57 -10.91
N VAL A 338 0.73 22.77 -11.67
CA VAL A 338 1.27 21.99 -12.76
C VAL A 338 0.91 22.67 -14.04
N LEU A 339 1.90 22.77 -14.91
CA LEU A 339 1.75 23.20 -16.30
C LEU A 339 2.23 22.04 -17.23
N CYS A 340 1.37 21.61 -18.13
CA CYS A 340 1.71 20.56 -19.06
C CYS A 340 1.83 21.32 -20.38
N PRO A 341 3.08 21.69 -20.80
CA PRO A 341 3.23 22.43 -22.08
C PRO A 341 3.13 21.56 -23.34
#